data_1AVB
#
_entry.id   1AVB
#
_cell.length_a   85.650
_cell.length_b   92.570
_cell.length_c   67.280
_cell.angle_alpha   90.00
_cell.angle_beta   90.00
_cell.angle_gamma   90.00
#
_symmetry.space_group_name_H-M   'P 21 21 2'
#
loop_
_entity.id
_entity.type
_entity.pdbx_description
1 polymer ARCELIN-1
2 branched 2-acetamido-2-deoxy-beta-D-glucopyranose-(1-4)-2-acetamido-2-deoxy-beta-D-glucopyranose
3 non-polymer 2-acetamido-2-deoxy-beta-D-glucopyranose
4 non-polymer 'SULFATE ION'
5 water water
#
_entity_poly.entity_id   1
_entity_poly.type   'polypeptide(L)'
_entity_poly.pdbx_seq_one_letter_code
;SNDASFNVETFNKTNLILQGDATVSSEGHLLLTNVKGNEEDSMGRAFYSAPIQINDRTIDNLASFSTNFTFRINAKNIEN
SAYGLAFALVPVGSRPKLKGRYLGLFNTTNYDRDAHTVAVVFDTVSNRIEIDVNSIRPIATESCNFGHNNGEKAEVRITY
DSPKNDLRVSLLYPSSEEKCHVSATVPLEKEVEDWVSVGFSATSGSKKETTETHNVLSWSFSSNFI
;
_entity_poly.pdbx_strand_id   A,B
#
# COMPACT_ATOMS: atom_id res chain seq x y z
N SER A 1 14.12 -5.64 3.85
CA SER A 1 12.70 -5.85 4.24
C SER A 1 11.86 -4.60 3.95
N ASN A 2 10.55 -4.75 4.12
CA ASN A 2 9.58 -3.68 3.88
C ASN A 2 8.57 -3.65 5.02
N ASP A 3 8.34 -2.48 5.60
CA ASP A 3 7.32 -2.32 6.66
C ASP A 3 6.20 -1.57 5.97
N ALA A 4 4.98 -1.73 6.46
CA ALA A 4 3.85 -1.02 5.88
C ALA A 4 2.74 -0.85 6.89
N SER A 5 2.00 0.24 6.78
CA SER A 5 0.88 0.49 7.65
C SER A 5 -0.09 1.36 6.90
N PHE A 6 -1.34 1.34 7.32
CA PHE A 6 -2.37 2.19 6.71
C PHE A 6 -3.47 2.34 7.73
N ASN A 7 -4.18 3.44 7.66
CA ASN A 7 -5.26 3.70 8.58
C ASN A 7 -6.45 4.11 7.76
N VAL A 8 -7.46 3.26 7.73
CA VAL A 8 -8.67 3.53 6.99
C VAL A 8 -9.73 4.00 7.97
N GLU A 9 -9.98 5.30 7.98
CA GLU A 9 -10.99 5.86 8.86
C GLU A 9 -12.33 5.81 8.16
N THR A 10 -12.31 5.87 6.82
CA THR A 10 -13.51 5.74 6.01
C THR A 10 -13.03 5.03 4.74
N PHE A 11 -13.70 3.95 4.36
CA PHE A 11 -13.32 3.19 3.17
C PHE A 11 -13.50 3.93 1.83
N ASN A 12 -12.65 3.58 0.87
CA ASN A 12 -12.68 4.13 -0.47
C ASN A 12 -12.14 3.03 -1.37
N LYS A 13 -12.84 2.73 -2.46
CA LYS A 13 -12.42 1.64 -3.34
C LYS A 13 -11.08 1.84 -4.03
N THR A 14 -10.62 3.08 -4.10
CA THR A 14 -9.37 3.36 -4.79
C THR A 14 -8.16 2.54 -4.34
N ASN A 15 -8.03 2.29 -3.03
CA ASN A 15 -6.88 1.53 -2.55
C ASN A 15 -7.22 0.12 -2.12
N LEU A 16 -8.30 -0.42 -2.69
CA LEU A 16 -8.73 -1.75 -2.37
C LEU A 16 -8.89 -2.62 -3.60
N ILE A 17 -8.79 -3.92 -3.39
CA ILE A 17 -8.99 -4.90 -4.43
C ILE A 17 -10.32 -5.52 -3.99
N LEU A 18 -11.38 -5.21 -4.71
CA LEU A 18 -12.70 -5.74 -4.37
C LEU A 18 -13.03 -6.96 -5.22
N GLN A 19 -13.55 -7.99 -4.57
CA GLN A 19 -13.91 -9.22 -5.25
C GLN A 19 -15.31 -9.68 -4.85
N GLY A 20 -15.96 -10.41 -5.75
CA GLY A 20 -17.30 -10.91 -5.46
C GLY A 20 -18.30 -9.77 -5.36
N ASP A 21 -19.12 -9.80 -4.31
CA ASP A 21 -20.15 -8.79 -4.11
C ASP A 21 -19.72 -7.60 -3.26
N ALA A 22 -18.45 -7.57 -2.86
CA ALA A 22 -17.93 -6.47 -2.03
C ALA A 22 -17.99 -5.10 -2.70
N THR A 23 -18.44 -4.10 -1.96
CA THR A 23 -18.52 -2.75 -2.47
C THR A 23 -18.29 -1.82 -1.28
N VAL A 24 -18.10 -0.54 -1.58
CA VAL A 24 -17.90 0.49 -0.56
C VAL A 24 -19.11 1.42 -0.65
N SER A 25 -19.79 1.63 0.47
CA SER A 25 -20.97 2.47 0.51
C SER A 25 -20.59 3.94 0.44
N SER A 26 -21.59 4.80 0.23
CA SER A 26 -21.35 6.23 0.16
C SER A 26 -20.90 6.73 1.54
N GLU A 27 -21.27 5.99 2.58
CA GLU A 27 -20.87 6.35 3.94
C GLU A 27 -19.42 5.93 4.21
N GLY A 28 -18.78 5.30 3.24
CA GLY A 28 -17.40 4.90 3.46
C GLY A 28 -17.27 3.64 4.30
N HIS A 29 -18.21 2.71 4.15
CA HIS A 29 -18.15 1.44 4.88
C HIS A 29 -17.95 0.35 3.86
N LEU A 30 -17.24 -0.71 4.27
CA LEU A 30 -16.98 -1.83 3.40
C LEU A 30 -18.08 -2.86 3.55
N LEU A 31 -18.87 -3.05 2.49
CA LEU A 31 -19.97 -4.01 2.48
C LEU A 31 -19.48 -5.26 1.77
N LEU A 32 -19.10 -6.26 2.54
CA LEU A 32 -18.58 -7.49 1.92
C LEU A 32 -19.61 -8.28 1.15
N THR A 33 -20.83 -8.35 1.66
CA THR A 33 -21.88 -9.10 1.00
C THR A 33 -23.06 -8.18 0.67
N ASN A 34 -23.93 -8.62 -0.24
CA ASN A 34 -25.09 -7.83 -0.67
C ASN A 34 -25.96 -7.37 0.48
N VAL A 35 -26.28 -6.08 0.47
CA VAL A 35 -27.12 -5.50 1.51
C VAL A 35 -28.53 -5.24 1.00
N LYS A 36 -28.72 -5.39 -0.30
CA LYS A 36 -30.02 -5.16 -0.91
C LYS A 36 -30.23 -6.24 -1.96
N GLY A 37 -31.47 -6.62 -2.17
CA GLY A 37 -31.77 -7.63 -3.17
C GLY A 37 -31.47 -9.04 -2.68
N ASN A 38 -30.85 -9.82 -3.54
CA ASN A 38 -30.54 -11.20 -3.19
C ASN A 38 -29.29 -11.38 -2.37
N GLU A 39 -29.49 -11.63 -1.08
CA GLU A 39 -28.39 -11.82 -0.16
C GLU A 39 -28.06 -13.30 0.00
N GLU A 40 -28.87 -14.16 -0.62
CA GLU A 40 -28.67 -15.61 -0.54
C GLU A 40 -27.39 -15.99 -1.27
N ASP A 41 -26.50 -16.67 -0.56
CA ASP A 41 -25.23 -17.11 -1.11
C ASP A 41 -24.32 -15.98 -1.59
N SER A 42 -24.50 -14.80 -1.02
CA SER A 42 -23.66 -13.66 -1.39
C SER A 42 -22.26 -13.91 -0.82
N MET A 43 -21.24 -13.48 -1.54
CA MET A 43 -19.86 -13.68 -1.10
C MET A 43 -19.03 -12.52 -1.64
N GLY A 44 -18.15 -12.00 -0.81
CA GLY A 44 -17.31 -10.89 -1.23
C GLY A 44 -16.03 -10.86 -0.43
N ARG A 45 -15.00 -10.25 -1.02
CA ARG A 45 -13.69 -10.13 -0.39
C ARG A 45 -13.11 -8.77 -0.74
N ALA A 46 -12.18 -8.30 0.08
CA ALA A 46 -11.55 -7.00 -0.13
C ALA A 46 -10.18 -7.02 0.52
N PHE A 47 -9.16 -6.58 -0.22
CA PHE A 47 -7.82 -6.54 0.30
C PHE A 47 -7.18 -5.21 0.02
N TYR A 48 -6.19 -4.84 0.83
CA TYR A 48 -5.46 -3.61 0.62
C TYR A 48 -4.69 -3.83 -0.68
N SER A 49 -4.63 -2.81 -1.52
CA SER A 49 -3.95 -2.94 -2.80
C SER A 49 -2.46 -3.26 -2.81
N ALA A 50 -1.76 -2.98 -1.72
CA ALA A 50 -0.33 -3.30 -1.69
C ALA A 50 -0.02 -4.55 -0.88
N PRO A 51 0.75 -5.47 -1.47
CA PRO A 51 1.10 -6.71 -0.78
C PRO A 51 1.92 -6.36 0.49
N ILE A 52 1.83 -7.22 1.50
CA ILE A 52 2.53 -7.03 2.76
C ILE A 52 3.59 -8.12 2.87
N GLN A 53 4.83 -7.72 3.14
CA GLN A 53 5.89 -8.70 3.26
C GLN A 53 5.85 -9.33 4.64
N ILE A 54 5.81 -10.66 4.67
CA ILE A 54 5.74 -11.42 5.91
C ILE A 54 7.09 -12.10 6.22
N ASN A 55 7.74 -12.62 5.17
CA ASN A 55 9.00 -13.32 5.33
C ASN A 55 10.08 -12.73 4.43
N ASP A 56 11.12 -12.20 5.05
CA ASP A 56 12.24 -11.65 4.31
C ASP A 56 13.32 -12.70 4.47
N ARG A 57 13.43 -13.58 3.49
CA ARG A 57 14.40 -14.67 3.51
C ARG A 57 15.84 -14.20 3.72
N THR A 58 16.23 -13.13 3.03
CA THR A 58 17.59 -12.61 3.12
C THR A 58 18.09 -12.28 4.53
N ILE A 59 17.17 -12.02 5.45
CA ILE A 59 17.56 -11.69 6.81
C ILE A 59 17.18 -12.77 7.82
N ASP A 60 16.53 -13.84 7.37
CA ASP A 60 16.12 -14.93 8.26
C ASP A 60 15.34 -14.27 9.39
N ASN A 61 14.42 -13.39 9.01
CA ASN A 61 13.61 -12.62 9.95
C ASN A 61 12.15 -12.60 9.51
N LEU A 62 11.23 -12.53 10.47
CA LEU A 62 9.80 -12.52 10.20
C LEU A 62 9.18 -11.25 10.78
N ALA A 63 8.19 -10.74 10.06
CA ALA A 63 7.49 -9.54 10.47
C ALA A 63 6.42 -9.84 11.52
N SER A 64 6.18 -8.85 12.38
CA SER A 64 5.13 -8.96 13.35
C SER A 64 4.11 -7.96 12.84
N PHE A 65 2.84 -8.15 13.18
CA PHE A 65 1.84 -7.19 12.73
C PHE A 65 0.72 -7.01 13.76
N SER A 66 0.00 -5.91 13.60
CA SER A 66 -1.09 -5.58 14.48
C SER A 66 -2.14 -4.99 13.56
N THR A 67 -3.40 -5.34 13.80
CA THR A 67 -4.48 -4.81 12.99
C THR A 67 -5.73 -4.62 13.86
N ASN A 68 -6.35 -3.46 13.72
CA ASN A 68 -7.55 -3.13 14.46
C ASN A 68 -8.63 -2.81 13.46
N PHE A 69 -9.86 -3.24 13.71
CA PHE A 69 -10.97 -2.94 12.81
C PHE A 69 -12.27 -3.08 13.54
N THR A 70 -13.30 -2.44 13.01
CA THR A 70 -14.59 -2.55 13.64
C THR A 70 -15.53 -3.10 12.60
N PHE A 71 -16.49 -3.91 13.01
CA PHE A 71 -17.43 -4.45 12.06
C PHE A 71 -18.82 -4.52 12.64
N ARG A 72 -19.79 -4.80 11.78
CA ARG A 72 -21.16 -4.93 12.19
C ARG A 72 -21.80 -6.00 11.33
N ILE A 73 -22.38 -6.99 11.97
CA ILE A 73 -23.06 -8.05 11.24
C ILE A 73 -24.52 -7.83 11.56
N ASN A 74 -25.37 -7.87 10.55
CA ASN A 74 -26.78 -7.65 10.77
C ASN A 74 -27.57 -8.76 10.11
N ALA A 75 -28.12 -9.64 10.93
CA ALA A 75 -28.91 -10.76 10.44
C ALA A 75 -30.42 -10.57 10.56
N LYS A 76 -31.12 -11.22 9.64
CA LYS A 76 -32.58 -11.21 9.53
C LYS A 76 -33.18 -12.04 10.66
N ASN A 77 -32.58 -13.18 10.93
CA ASN A 77 -33.04 -14.08 11.96
C ASN A 77 -31.80 -14.44 12.76
N ILE A 78 -31.65 -13.82 13.93
CA ILE A 78 -30.47 -14.04 14.78
C ILE A 78 -30.20 -15.46 15.26
N GLU A 79 -31.13 -16.38 15.02
CA GLU A 79 -30.93 -17.75 15.44
C GLU A 79 -30.57 -18.68 14.29
N ASN A 80 -30.66 -18.19 13.07
CA ASN A 80 -30.39 -19.02 11.90
C ASN A 80 -29.53 -18.35 10.84
N SER A 81 -28.68 -17.40 11.23
CA SER A 81 -27.86 -16.72 10.24
C SER A 81 -26.55 -17.44 9.97
N ALA A 82 -25.96 -17.14 8.80
CA ALA A 82 -24.70 -17.74 8.37
C ALA A 82 -24.10 -16.76 7.37
N TYR A 83 -22.80 -16.84 7.09
CA TYR A 83 -21.87 -17.81 7.69
C TYR A 83 -20.87 -17.08 8.58
N GLY A 84 -20.47 -15.88 8.16
CA GLY A 84 -19.53 -15.13 8.95
C GLY A 84 -18.67 -14.18 8.14
N LEU A 85 -17.76 -13.53 8.85
CA LEU A 85 -16.83 -12.58 8.30
C LEU A 85 -15.45 -13.04 8.78
N ALA A 86 -14.42 -12.80 7.99
CA ALA A 86 -13.08 -13.21 8.38
C ALA A 86 -12.02 -12.22 7.95
N PHE A 87 -10.99 -12.10 8.77
CA PHE A 87 -9.86 -11.26 8.46
C PHE A 87 -8.93 -12.33 7.91
N ALA A 88 -8.29 -12.10 6.78
CA ALA A 88 -7.46 -13.12 6.18
C ALA A 88 -6.15 -12.64 5.56
N LEU A 89 -5.20 -13.57 5.49
CA LEU A 89 -3.91 -13.35 4.84
C LEU A 89 -3.99 -14.37 3.71
N VAL A 90 -3.95 -13.90 2.47
CA VAL A 90 -4.07 -14.79 1.33
C VAL A 90 -2.95 -14.54 0.32
N PRO A 91 -2.78 -15.46 -0.64
CA PRO A 91 -1.73 -15.28 -1.64
C PRO A 91 -2.04 -14.06 -2.50
N VAL A 92 -1.01 -13.34 -2.89
CA VAL A 92 -1.17 -12.16 -3.73
C VAL A 92 -1.77 -12.59 -5.06
N GLY A 93 -2.76 -11.84 -5.52
CA GLY A 93 -3.40 -12.15 -6.78
C GLY A 93 -4.44 -13.26 -6.74
N SER A 94 -4.66 -13.85 -5.58
CA SER A 94 -5.63 -14.94 -5.48
C SER A 94 -7.05 -14.47 -5.73
N ARG A 95 -7.87 -15.39 -6.26
CA ARG A 95 -9.27 -15.11 -6.54
C ARG A 95 -10.10 -15.90 -5.55
N PRO A 96 -11.38 -15.54 -5.37
CA PRO A 96 -12.27 -16.22 -4.43
C PRO A 96 -12.38 -17.73 -4.63
N LYS A 97 -12.56 -18.45 -3.53
CA LYS A 97 -12.71 -19.90 -3.59
C LYS A 97 -14.19 -20.22 -3.42
N LEU A 98 -14.51 -21.26 -2.64
CA LEU A 98 -15.89 -21.65 -2.45
C LEU A 98 -16.67 -20.77 -1.47
N LYS A 99 -17.98 -20.77 -1.62
CA LYS A 99 -18.86 -19.99 -0.76
C LYS A 99 -19.28 -20.81 0.45
N GLY A 100 -20.33 -20.36 1.12
CA GLY A 100 -20.82 -21.08 2.28
C GLY A 100 -19.80 -21.10 3.41
N ARG A 101 -19.68 -22.25 4.07
CA ARG A 101 -18.76 -22.40 5.19
C ARG A 101 -17.29 -22.20 4.80
N TYR A 102 -17.02 -22.23 3.50
CA TYR A 102 -15.65 -22.04 3.02
C TYR A 102 -15.24 -20.57 3.05
N LEU A 103 -16.21 -19.71 3.31
CA LEU A 103 -16.01 -18.27 3.45
C LEU A 103 -15.38 -17.54 2.27
N GLY A 104 -15.29 -18.21 1.13
CA GLY A 104 -14.67 -17.60 -0.04
C GLY A 104 -13.15 -17.65 0.05
N LEU A 105 -12.66 -18.38 1.05
CA LEU A 105 -11.23 -18.48 1.28
C LEU A 105 -10.63 -19.88 1.12
N PHE A 106 -11.45 -20.90 1.31
CA PHE A 106 -10.96 -22.28 1.21
C PHE A 106 -11.75 -23.10 0.20
N ASN A 107 -11.20 -24.23 -0.22
CA ASN A 107 -11.90 -25.10 -1.15
C ASN A 107 -11.89 -26.58 -0.77
N THR A 108 -11.38 -26.89 0.42
CA THR A 108 -11.34 -28.25 0.94
C THR A 108 -11.56 -28.11 2.44
N THR A 109 -12.10 -29.15 3.07
CA THR A 109 -12.36 -29.10 4.51
C THR A 109 -11.11 -29.37 5.33
N ASN A 110 -10.34 -30.36 4.89
CA ASN A 110 -9.11 -30.74 5.58
C ASN A 110 -7.96 -29.82 5.24
N TYR A 111 -6.87 -29.99 5.98
CA TYR A 111 -5.66 -29.19 5.80
C TYR A 111 -5.11 -29.27 4.39
N ASP A 112 -4.75 -28.13 3.84
CA ASP A 112 -4.20 -28.03 2.50
C ASP A 112 -3.08 -27.00 2.55
N ARG A 113 -1.85 -27.49 2.67
CA ARG A 113 -0.69 -26.61 2.74
C ARG A 113 -0.55 -25.64 1.56
N ASP A 114 -1.11 -26.01 0.41
CA ASP A 114 -1.02 -25.16 -0.78
C ASP A 114 -1.98 -23.97 -0.79
N ALA A 115 -2.91 -23.93 0.15
CA ALA A 115 -3.85 -22.81 0.24
C ALA A 115 -3.14 -21.54 0.68
N HIS A 116 -2.14 -21.68 1.54
CA HIS A 116 -1.35 -20.55 2.04
C HIS A 116 -2.24 -19.42 2.54
N THR A 117 -3.26 -19.79 3.30
CA THR A 117 -4.22 -18.84 3.81
C THR A 117 -4.49 -19.03 5.29
N VAL A 118 -4.42 -17.91 6.02
CA VAL A 118 -4.68 -17.92 7.46
C VAL A 118 -5.84 -16.95 7.68
N ALA A 119 -6.78 -17.34 8.51
CA ALA A 119 -7.94 -16.48 8.75
C ALA A 119 -8.46 -16.52 10.17
N VAL A 120 -8.97 -15.38 10.61
CA VAL A 120 -9.59 -15.25 11.90
C VAL A 120 -11.05 -15.06 11.52
N VAL A 121 -11.85 -16.06 11.86
CA VAL A 121 -13.25 -16.09 11.49
C VAL A 121 -14.19 -15.79 12.62
N PHE A 122 -15.17 -14.96 12.31
CA PHE A 122 -16.20 -14.61 13.25
C PHE A 122 -17.34 -15.42 12.67
N ASP A 123 -17.44 -16.64 13.17
CA ASP A 123 -18.41 -17.63 12.72
C ASP A 123 -19.78 -17.45 13.34
N THR A 124 -20.73 -17.02 12.53
CA THR A 124 -22.09 -16.79 13.01
C THR A 124 -22.92 -18.06 13.12
N VAL A 125 -22.50 -19.11 12.45
CA VAL A 125 -23.22 -20.38 12.50
C VAL A 125 -23.00 -21.02 13.88
N SER A 126 -21.74 -21.05 14.33
CA SER A 126 -21.41 -21.66 15.62
C SER A 126 -21.25 -20.66 16.75
N ASN A 127 -21.25 -19.37 16.43
CA ASN A 127 -21.08 -18.34 17.44
C ASN A 127 -19.74 -18.50 18.13
N ARG A 128 -18.68 -18.47 17.33
CA ARG A 128 -17.33 -18.59 17.86
C ARG A 128 -16.36 -17.81 17.00
N ILE A 129 -15.23 -17.42 17.59
CA ILE A 129 -14.16 -16.78 16.83
C ILE A 129 -13.29 -18.00 16.60
N GLU A 130 -12.89 -18.22 15.35
CA GLU A 130 -12.09 -19.38 15.01
C GLU A 130 -10.83 -18.98 14.27
N ILE A 131 -9.72 -19.65 14.56
CA ILE A 131 -8.47 -19.38 13.86
C ILE A 131 -8.27 -20.54 12.87
N ASP A 132 -8.43 -20.23 11.60
CA ASP A 132 -8.29 -21.21 10.53
C ASP A 132 -6.95 -21.07 9.85
N VAL A 133 -6.23 -22.17 9.77
CA VAL A 133 -4.91 -22.19 9.15
C VAL A 133 -4.92 -23.23 8.03
N ASN A 134 -5.13 -22.78 6.80
CA ASN A 134 -5.15 -23.66 5.64
C ASN A 134 -6.17 -24.80 5.74
N SER A 135 -7.28 -24.53 6.43
CA SER A 135 -8.35 -25.49 6.63
C SER A 135 -9.49 -24.79 7.36
N ILE A 136 -10.72 -25.31 7.21
CA ILE A 136 -11.85 -24.71 7.91
C ILE A 136 -12.03 -25.37 9.28
N ARG A 137 -11.20 -26.37 9.57
CA ARG A 137 -11.22 -27.05 10.85
C ARG A 137 -10.30 -26.14 11.67
N PRO A 138 -10.87 -25.28 12.52
CA PRO A 138 -10.09 -24.34 13.34
C PRO A 138 -9.08 -25.00 14.25
N ILE A 139 -7.93 -24.36 14.45
CA ILE A 139 -6.92 -24.89 15.34
C ILE A 139 -7.21 -24.39 16.76
N ALA A 140 -8.06 -23.37 16.85
CA ALA A 140 -8.45 -22.79 18.14
C ALA A 140 -9.74 -22.00 17.97
N THR A 141 -10.59 -22.06 18.97
CA THR A 141 -11.85 -21.33 18.96
C THR A 141 -12.23 -20.98 20.39
N GLU A 142 -13.19 -20.07 20.51
CA GLU A 142 -13.75 -19.66 21.79
C GLU A 142 -15.11 -19.09 21.44
N SER A 143 -16.11 -19.41 22.24
CA SER A 143 -17.45 -18.92 21.97
C SER A 143 -17.53 -17.41 22.05
N CYS A 144 -18.36 -16.84 21.18
CA CYS A 144 -18.57 -15.41 21.11
C CYS A 144 -19.97 -15.27 20.52
N ASN A 145 -20.89 -14.77 21.34
CA ASN A 145 -22.27 -14.65 20.93
C ASN A 145 -22.59 -13.45 20.06
N PHE A 146 -22.38 -13.60 18.75
CA PHE A 146 -22.64 -12.54 17.80
C PHE A 146 -24.13 -12.22 17.70
N GLY A 147 -24.96 -13.26 17.77
CA GLY A 147 -26.39 -13.08 17.68
C GLY A 147 -26.96 -12.15 18.74
N HIS A 148 -26.49 -12.27 19.98
CA HIS A 148 -26.95 -11.43 21.07
C HIS A 148 -26.57 -9.97 20.82
N ASN A 149 -25.69 -9.75 19.85
CA ASN A 149 -25.22 -8.42 19.54
C ASN A 149 -25.53 -8.07 18.09
N ASN A 150 -26.62 -8.62 17.60
CA ASN A 150 -27.04 -8.40 16.23
C ASN A 150 -27.12 -6.93 15.89
N GLY A 151 -26.52 -6.55 14.77
CA GLY A 151 -26.55 -5.18 14.31
C GLY A 151 -25.65 -4.22 15.07
N GLU A 152 -24.93 -4.72 16.06
CA GLU A 152 -24.04 -3.89 16.85
C GLU A 152 -22.60 -3.92 16.34
N LYS A 153 -21.86 -2.87 16.64
CA LYS A 153 -20.48 -2.73 16.22
C LYS A 153 -19.54 -3.48 17.17
N ALA A 154 -18.59 -4.21 16.61
CA ALA A 154 -17.61 -4.95 17.39
C ALA A 154 -16.25 -4.32 17.11
N GLU A 155 -15.43 -4.20 18.14
CA GLU A 155 -14.10 -3.64 18.00
C GLU A 155 -13.17 -4.83 18.15
N VAL A 156 -12.33 -5.05 17.15
CA VAL A 156 -11.41 -6.18 17.16
C VAL A 156 -9.96 -5.74 17.13
N ARG A 157 -9.12 -6.47 17.85
CA ARG A 157 -7.69 -6.22 17.89
C ARG A 157 -7.01 -7.56 17.63
N ILE A 158 -6.14 -7.60 16.63
CA ILE A 158 -5.43 -8.82 16.31
C ILE A 158 -3.95 -8.49 16.29
N THR A 159 -3.14 -9.30 16.97
CA THR A 159 -1.71 -9.06 16.98
C THR A 159 -0.97 -10.35 16.71
N TYR A 160 0.10 -10.25 15.94
CA TYR A 160 0.91 -11.40 15.65
C TYR A 160 2.32 -11.05 16.10
N ASP A 161 2.80 -11.76 17.10
CA ASP A 161 4.13 -11.57 17.67
C ASP A 161 4.99 -12.69 17.09
N SER A 162 5.71 -12.39 16.02
CA SER A 162 6.51 -13.40 15.33
C SER A 162 7.50 -14.21 16.14
N PRO A 163 8.31 -13.58 17.02
CA PRO A 163 9.27 -14.36 17.81
C PRO A 163 8.64 -15.51 18.60
N LYS A 164 7.39 -15.35 18.97
CA LYS A 164 6.70 -16.39 19.74
C LYS A 164 5.68 -17.17 18.91
N ASN A 165 5.51 -16.79 17.63
CA ASN A 165 4.51 -17.44 16.76
C ASN A 165 3.15 -17.29 17.43
N ASP A 166 2.93 -16.15 18.08
CA ASP A 166 1.71 -15.91 18.82
C ASP A 166 0.69 -15.01 18.13
N LEU A 167 -0.48 -15.59 17.81
CA LEU A 167 -1.57 -14.86 17.18
C LEU A 167 -2.65 -14.67 18.22
N ARG A 168 -3.01 -13.42 18.51
CA ARG A 168 -4.01 -13.12 19.52
C ARG A 168 -5.15 -12.28 18.97
N VAL A 169 -6.36 -12.61 19.39
CA VAL A 169 -7.53 -11.90 18.96
C VAL A 169 -8.36 -11.45 20.18
N SER A 170 -8.74 -10.18 20.19
CA SER A 170 -9.56 -9.60 21.24
C SER A 170 -10.71 -8.87 20.59
N LEU A 171 -11.92 -9.13 21.07
CA LEU A 171 -13.09 -8.48 20.51
C LEU A 171 -13.89 -7.91 21.67
N LEU A 172 -14.53 -6.78 21.40
CA LEU A 172 -15.35 -6.10 22.38
C LEU A 172 -16.57 -5.48 21.72
N TYR A 173 -17.74 -5.73 22.30
CA TYR A 173 -18.99 -5.13 21.83
C TYR A 173 -19.29 -4.10 22.91
N PRO A 174 -18.90 -2.83 22.69
CA PRO A 174 -19.13 -1.77 23.67
C PRO A 174 -20.57 -1.67 24.18
N SER A 175 -21.53 -1.96 23.30
CA SER A 175 -22.94 -1.87 23.68
C SER A 175 -23.38 -2.83 24.79
N SER A 176 -22.85 -4.04 24.77
CA SER A 176 -23.24 -5.03 25.77
C SER A 176 -22.11 -5.28 26.73
N GLU A 177 -20.92 -4.84 26.33
CA GLU A 177 -19.69 -5.02 27.10
C GLU A 177 -19.21 -6.46 27.11
N GLU A 178 -19.61 -7.23 26.10
CA GLU A 178 -19.21 -8.62 25.96
C GLU A 178 -17.82 -8.62 25.28
N LYS A 179 -16.93 -9.44 25.83
CA LYS A 179 -15.57 -9.57 25.30
C LYS A 179 -15.36 -11.00 24.87
N CYS A 180 -14.55 -11.17 23.84
CA CYS A 180 -14.22 -12.48 23.31
C CYS A 180 -12.75 -12.44 23.01
N HIS A 181 -12.07 -13.54 23.18
CA HIS A 181 -10.65 -13.58 22.91
C HIS A 181 -10.26 -15.00 22.58
N VAL A 182 -9.22 -15.14 21.78
CA VAL A 182 -8.72 -16.43 21.39
C VAL A 182 -7.32 -16.22 20.86
N SER A 183 -6.42 -17.15 21.16
CA SER A 183 -5.05 -17.04 20.70
C SER A 183 -4.62 -18.43 20.28
N ALA A 184 -3.53 -18.50 19.54
CA ALA A 184 -3.02 -19.77 19.07
C ALA A 184 -1.60 -19.59 18.58
N THR A 185 -0.85 -20.67 18.57
CA THR A 185 0.52 -20.64 18.09
C THR A 185 0.45 -21.01 16.61
N VAL A 186 0.89 -20.09 15.75
CA VAL A 186 0.88 -20.30 14.30
C VAL A 186 2.18 -19.78 13.70
N PRO A 187 3.01 -20.67 13.14
CA PRO A 187 4.25 -20.19 12.54
C PRO A 187 3.90 -19.69 11.13
N LEU A 188 3.57 -18.41 11.04
CA LEU A 188 3.18 -17.81 9.78
C LEU A 188 4.06 -18.09 8.58
N GLU A 189 5.37 -17.98 8.77
CA GLU A 189 6.32 -18.19 7.68
C GLU A 189 6.23 -19.59 7.07
N LYS A 190 5.68 -20.54 7.81
CA LYS A 190 5.53 -21.88 7.30
C LYS A 190 4.15 -22.08 6.66
N GLU A 191 3.17 -21.26 7.07
CA GLU A 191 1.81 -21.41 6.57
C GLU A 191 1.34 -20.49 5.44
N VAL A 192 2.00 -19.36 5.26
CA VAL A 192 1.61 -18.43 4.20
C VAL A 192 2.80 -18.13 3.32
N GLU A 193 2.58 -17.42 2.22
CA GLU A 193 3.67 -17.07 1.32
C GLU A 193 4.48 -15.90 1.86
N ASP A 194 5.67 -15.70 1.29
CA ASP A 194 6.55 -14.63 1.71
C ASP A 194 5.83 -13.27 1.74
N TRP A 195 5.00 -13.04 0.73
CA TRP A 195 4.21 -11.81 0.64
C TRP A 195 2.76 -12.24 0.61
N VAL A 196 1.88 -11.44 1.20
CA VAL A 196 0.47 -11.77 1.24
C VAL A 196 -0.38 -10.52 1.06
N SER A 197 -1.66 -10.72 0.76
CA SER A 197 -2.61 -9.64 0.66
C SER A 197 -3.43 -9.78 1.93
N VAL A 198 -3.67 -8.68 2.62
CA VAL A 198 -4.43 -8.70 3.86
C VAL A 198 -5.78 -8.09 3.60
N GLY A 199 -6.82 -8.65 4.23
CA GLY A 199 -8.15 -8.12 4.01
C GLY A 199 -9.21 -8.97 4.65
N PHE A 200 -10.39 -8.90 4.06
CA PHE A 200 -11.56 -9.60 4.57
C PHE A 200 -12.30 -10.39 3.52
N SER A 201 -13.12 -11.32 4.01
CA SER A 201 -13.94 -12.17 3.18
C SER A 201 -15.18 -12.52 4.01
N ALA A 202 -16.29 -12.74 3.32
CA ALA A 202 -17.50 -13.08 4.04
C ALA A 202 -18.47 -13.80 3.11
N THR A 203 -19.31 -14.65 3.69
CA THR A 203 -20.33 -15.35 2.93
C THR A 203 -21.62 -15.26 3.71
N SER A 204 -22.73 -15.16 2.98
CA SER A 204 -24.05 -15.06 3.56
C SER A 204 -24.80 -16.38 3.38
N GLY A 205 -25.74 -16.64 4.27
CA GLY A 205 -26.52 -17.86 4.23
C GLY A 205 -27.16 -18.17 2.89
N SER A 206 -27.37 -19.46 2.65
CA SER A 206 -27.94 -19.95 1.41
C SER A 206 -29.47 -19.81 1.29
N LYS A 207 -30.16 -19.68 2.42
CA LYS A 207 -31.61 -19.57 2.41
C LYS A 207 -32.06 -18.19 2.86
N LYS A 208 -33.26 -17.80 2.47
CA LYS A 208 -33.79 -16.48 2.81
C LYS A 208 -33.69 -16.14 4.30
N GLU A 209 -33.91 -17.13 5.17
CA GLU A 209 -33.87 -16.87 6.61
C GLU A 209 -32.49 -16.92 7.25
N THR A 210 -31.47 -17.34 6.51
CA THR A 210 -30.12 -17.43 7.05
C THR A 210 -29.19 -16.36 6.51
N THR A 211 -29.73 -15.37 5.80
CA THR A 211 -28.90 -14.32 5.24
C THR A 211 -28.51 -13.28 6.30
N GLU A 212 -27.40 -12.58 6.04
CA GLU A 212 -26.92 -11.53 6.94
C GLU A 212 -25.90 -10.69 6.19
N THR A 213 -25.70 -9.46 6.65
CA THR A 213 -24.74 -8.57 6.01
C THR A 213 -23.47 -8.52 6.85
N HIS A 214 -22.36 -8.14 6.23
CA HIS A 214 -21.06 -8.08 6.92
C HIS A 214 -20.35 -6.81 6.50
N ASN A 215 -20.39 -5.81 7.38
CA ASN A 215 -19.77 -4.54 7.07
C ASN A 215 -18.60 -4.22 7.96
N VAL A 216 -17.53 -3.73 7.36
CA VAL A 216 -16.33 -3.33 8.09
C VAL A 216 -16.39 -1.82 8.07
N LEU A 217 -16.27 -1.23 9.26
CA LEU A 217 -16.41 0.20 9.40
C LEU A 217 -15.13 1.03 9.42
N SER A 218 -14.06 0.47 9.94
CA SER A 218 -12.77 1.16 10.01
C SER A 218 -11.73 0.06 10.11
N TRP A 219 -10.49 0.37 9.76
CA TRP A 219 -9.45 -0.64 9.75
C TRP A 219 -8.08 -0.02 9.69
N SER A 220 -7.18 -0.43 10.57
CA SER A 220 -5.81 0.05 10.57
C SER A 220 -4.95 -1.19 10.68
N PHE A 221 -3.78 -1.15 10.03
CA PHE A 221 -2.88 -2.29 10.01
C PHE A 221 -1.45 -1.78 10.03
N SER A 222 -0.56 -2.55 10.62
CA SER A 222 0.84 -2.18 10.70
C SER A 222 1.69 -3.44 10.84
N SER A 223 2.66 -3.61 9.95
CA SER A 223 3.57 -4.74 10.01
C SER A 223 4.97 -4.16 10.08
N ASN A 224 5.82 -4.76 10.90
CA ASN A 224 7.19 -4.27 11.09
C ASN A 224 8.16 -5.43 11.27
N PHE A 225 9.34 -5.32 10.69
CA PHE A 225 10.35 -6.34 10.87
C PHE A 225 11.19 -5.82 12.02
N ILE A 226 11.50 -6.70 12.96
CA ILE A 226 12.29 -6.33 14.14
C ILE A 226 13.12 -7.52 14.63
N SER B 1 -11.13 9.54 5.68
CA SER B 1 -9.77 9.65 5.10
C SER B 1 -8.98 8.36 5.27
N ASN B 2 -7.80 8.32 4.65
CA ASN B 2 -6.91 7.16 4.68
C ASN B 2 -5.49 7.66 4.86
N ASP B 3 -4.77 7.10 5.83
CA ASP B 3 -3.35 7.43 6.06
C ASP B 3 -2.61 6.21 5.60
N ALA B 4 -1.36 6.38 5.22
CA ALA B 4 -0.58 5.25 4.79
C ALA B 4 0.91 5.51 4.89
N SER B 5 1.67 4.46 5.19
CA SER B 5 3.11 4.60 5.26
C SER B 5 3.72 3.27 4.86
N PHE B 6 4.99 3.33 4.49
CA PHE B 6 5.74 2.15 4.12
C PHE B 6 7.20 2.49 4.27
N ASN B 7 8.00 1.49 4.62
CA ASN B 7 9.41 1.70 4.78
C ASN B 7 10.09 0.60 3.99
N VAL B 8 10.75 1.00 2.90
CA VAL B 8 11.46 0.10 2.02
C VAL B 8 12.93 0.10 2.39
N GLU B 9 13.34 -0.85 3.22
CA GLU B 9 14.73 -0.94 3.60
C GLU B 9 15.53 -1.55 2.43
N THR B 10 14.89 -2.46 1.69
CA THR B 10 15.48 -3.07 0.50
C THR B 10 14.30 -3.29 -0.46
N PHE B 11 14.47 -2.87 -1.72
CA PHE B 11 13.40 -3.01 -2.71
C PHE B 11 13.07 -4.42 -3.15
N ASN B 12 11.80 -4.63 -3.45
CA ASN B 12 11.31 -5.92 -3.93
C ASN B 12 10.22 -5.56 -4.93
N LYS B 13 10.22 -6.19 -6.10
CA LYS B 13 9.22 -5.84 -7.10
C LYS B 13 7.78 -6.20 -6.73
N THR B 14 7.60 -7.06 -5.74
CA THR B 14 6.27 -7.48 -5.34
C THR B 14 5.29 -6.34 -5.01
N ASN B 15 5.75 -5.30 -4.32
CA ASN B 15 4.85 -4.20 -3.96
C ASN B 15 5.05 -2.93 -4.77
N LEU B 16 5.58 -3.07 -5.98
CA LEU B 16 5.82 -1.92 -6.83
C LEU B 16 5.19 -2.10 -8.19
N ILE B 17 4.95 -0.98 -8.85
CA ILE B 17 4.42 -0.99 -10.21
C ILE B 17 5.65 -0.52 -10.99
N LEU B 18 6.23 -1.42 -11.78
CA LEU B 18 7.42 -1.09 -12.55
C LEU B 18 7.04 -0.79 -13.99
N GLN B 19 7.61 0.27 -14.53
CA GLN B 19 7.32 0.66 -15.91
C GLN B 19 8.61 0.99 -16.65
N GLY B 20 8.58 0.80 -17.96
CA GLY B 20 9.75 1.09 -18.77
C GLY B 20 10.87 0.13 -18.46
N ASP B 21 12.07 0.65 -18.31
CA ASP B 21 13.25 -0.16 -18.04
C ASP B 21 13.55 -0.40 -16.55
N ALA B 22 12.66 0.05 -15.66
CA ALA B 22 12.86 -0.11 -14.22
C ALA B 22 12.85 -1.55 -13.76
N THR B 23 13.81 -1.91 -12.92
CA THR B 23 13.93 -3.26 -12.39
C THR B 23 14.47 -3.15 -10.98
N VAL B 24 14.41 -4.25 -10.24
CA VAL B 24 14.94 -4.29 -8.89
C VAL B 24 16.10 -5.27 -8.97
N SER B 25 17.28 -4.84 -8.50
CA SER B 25 18.47 -5.69 -8.53
C SER B 25 18.39 -6.77 -7.46
N SER B 26 19.30 -7.73 -7.56
CA SER B 26 19.37 -8.81 -6.58
C SER B 26 19.78 -8.24 -5.23
N GLU B 27 20.45 -7.09 -5.25
CA GLU B 27 20.85 -6.44 -4.00
C GLU B 27 19.70 -5.62 -3.39
N GLY B 28 18.55 -5.62 -4.05
CA GLY B 28 17.42 -4.88 -3.51
C GLY B 28 17.46 -3.38 -3.73
N HIS B 29 18.01 -2.97 -4.86
CA HIS B 29 18.07 -1.55 -5.20
C HIS B 29 17.19 -1.36 -6.41
N LEU B 30 16.55 -0.20 -6.50
CA LEU B 30 15.68 0.14 -7.61
C LEU B 30 16.51 0.75 -8.73
N LEU B 31 16.57 0.07 -9.87
CA LEU B 31 17.33 0.55 -11.02
C LEU B 31 16.32 1.14 -12.01
N LEU B 32 16.19 2.45 -12.03
CA LEU B 32 15.21 3.09 -12.90
C LEU B 32 15.53 3.00 -14.36
N THR B 33 16.81 3.12 -14.71
CA THR B 33 17.22 3.05 -16.10
C THR B 33 18.23 1.92 -16.33
N ASN B 34 18.43 1.55 -17.59
CA ASN B 34 19.34 0.46 -17.95
C ASN B 34 20.72 0.64 -17.39
N VAL B 35 21.23 -0.40 -16.75
CA VAL B 35 22.56 -0.34 -16.19
C VAL B 35 23.54 -1.11 -17.06
N LYS B 36 23.02 -1.74 -18.10
CA LYS B 36 23.85 -2.50 -19.02
C LYS B 36 23.24 -2.37 -20.40
N GLY B 37 24.04 -2.64 -21.42
CA GLY B 37 23.54 -2.56 -22.78
C GLY B 37 23.26 -1.14 -23.26
N ASN B 38 22.13 -0.96 -23.93
CA ASN B 38 21.77 0.33 -24.47
C ASN B 38 21.12 1.21 -23.43
N GLU B 39 21.85 2.21 -22.98
CA GLU B 39 21.34 3.12 -21.97
C GLU B 39 20.85 4.42 -22.63
N GLU B 40 21.06 4.56 -23.92
CA GLU B 40 20.63 5.77 -24.62
C GLU B 40 19.10 5.84 -24.64
N ASP B 41 18.59 6.93 -24.08
CA ASP B 41 17.15 7.16 -23.97
C ASP B 41 16.41 6.15 -23.10
N SER B 42 17.14 5.49 -22.21
CA SER B 42 16.53 4.53 -21.31
C SER B 42 15.62 5.32 -20.38
N MET B 43 14.47 4.76 -20.06
CA MET B 43 13.51 5.43 -19.19
C MET B 43 12.77 4.39 -18.38
N GLY B 44 12.56 4.69 -17.10
CA GLY B 44 11.86 3.76 -16.24
C GLY B 44 11.17 4.51 -15.12
N ARG B 45 10.12 3.91 -14.59
CA ARG B 45 9.34 4.51 -13.51
C ARG B 45 8.95 3.39 -12.56
N ALA B 46 8.69 3.74 -11.31
CA ALA B 46 8.32 2.76 -10.30
C ALA B 46 7.49 3.46 -9.24
N PHE B 47 6.36 2.88 -8.89
CA PHE B 47 5.48 3.45 -7.90
C PHE B 47 5.06 2.39 -6.88
N TYR B 48 4.70 2.84 -5.68
CA TYR B 48 4.23 1.95 -4.64
C TYR B 48 2.89 1.43 -5.18
N SER B 49 2.63 0.14 -5.03
CA SER B 49 1.40 -0.42 -5.57
C SER B 49 0.07 0.12 -5.01
N ALA B 50 0.10 0.75 -3.83
CA ALA B 50 -1.15 1.30 -3.29
C ALA B 50 -1.24 2.80 -3.49
N PRO B 51 -2.39 3.26 -3.99
CA PRO B 51 -2.64 4.69 -4.23
C PRO B 51 -2.65 5.39 -2.88
N ILE B 52 -2.26 6.66 -2.86
CA ILE B 52 -2.21 7.45 -1.65
C ILE B 52 -3.26 8.55 -1.74
N GLN B 53 -4.09 8.67 -0.71
CA GLN B 53 -5.11 9.70 -0.69
C GLN B 53 -4.48 11.04 -0.32
N ILE B 54 -4.68 12.03 -1.18
CA ILE B 54 -4.14 13.36 -0.94
C ILE B 54 -5.24 14.35 -0.55
N ASN B 55 -6.39 14.20 -1.19
CA ASN B 55 -7.51 15.10 -0.94
C ASN B 55 -8.78 14.34 -0.57
N ASP B 56 -9.27 14.58 0.63
CA ASP B 56 -10.51 13.96 1.08
C ASP B 56 -11.55 15.06 1.01
N ARG B 57 -12.38 15.01 -0.02
CA ARG B 57 -13.43 15.99 -0.25
C ARG B 57 -14.42 16.12 0.92
N THR B 58 -14.82 14.99 1.50
CA THR B 58 -15.80 14.97 2.57
C THR B 58 -15.46 15.76 3.84
N ILE B 59 -14.17 15.93 4.14
CA ILE B 59 -13.78 16.68 5.32
C ILE B 59 -13.15 18.03 5.00
N ASP B 60 -13.02 18.35 3.71
CA ASP B 60 -12.42 19.63 3.32
C ASP B 60 -11.06 19.67 4.03
N ASN B 61 -10.41 18.51 4.06
CA ASN B 61 -9.13 18.33 4.72
C ASN B 61 -8.12 17.79 3.73
N LEU B 62 -6.86 18.21 3.89
CA LEU B 62 -5.78 17.78 3.00
C LEU B 62 -4.73 17.08 3.84
N ALA B 63 -4.05 16.10 3.23
CA ALA B 63 -3.03 15.35 3.92
C ALA B 63 -1.67 16.00 3.76
N SER B 64 -0.82 15.76 4.75
CA SER B 64 0.53 16.25 4.68
C SER B 64 1.32 14.98 4.51
N PHE B 65 2.52 15.06 3.98
CA PHE B 65 3.34 13.87 3.82
C PHE B 65 4.82 14.15 3.99
N SER B 66 5.57 13.07 4.19
CA SER B 66 7.00 13.15 4.38
C SER B 66 7.57 11.93 3.69
N THR B 67 8.69 12.10 3.00
CA THR B 67 9.32 10.97 2.34
C THR B 67 10.84 11.14 2.35
N ASN B 68 11.54 10.07 2.73
CA ASN B 68 12.99 10.08 2.77
C ASN B 68 13.46 8.97 1.85
N PHE B 69 14.53 9.21 1.12
CA PHE B 69 15.08 8.19 0.24
C PHE B 69 16.51 8.49 -0.10
N THR B 70 17.24 7.45 -0.48
CA THR B 70 18.64 7.63 -0.85
C THR B 70 18.76 7.18 -2.28
N PHE B 71 19.62 7.86 -3.02
CA PHE B 71 19.83 7.48 -4.40
C PHE B 71 21.27 7.64 -4.79
N ARG B 72 21.61 7.13 -5.97
CA ARG B 72 22.96 7.23 -6.49
C ARG B 72 22.83 7.34 -7.99
N ILE B 73 23.49 8.35 -8.56
CA ILE B 73 23.49 8.54 -9.99
C ILE B 73 24.94 8.31 -10.40
N ASN B 74 25.14 7.51 -11.42
CA ASN B 74 26.48 7.21 -11.88
C ASN B 74 26.57 7.48 -13.37
N ALA B 75 27.20 8.58 -13.72
CA ALA B 75 27.35 8.98 -15.12
C ALA B 75 28.68 8.58 -15.74
N LYS B 76 28.65 8.44 -17.07
CA LYS B 76 29.81 8.07 -17.86
C LYS B 76 30.76 9.27 -17.85
N ASN B 77 30.24 10.41 -18.27
CA ASN B 77 31.02 11.64 -18.31
C ASN B 77 30.31 12.64 -17.43
N ILE B 78 30.92 12.93 -16.28
CA ILE B 78 30.33 13.84 -15.29
C ILE B 78 30.06 15.28 -15.74
N GLU B 79 30.48 15.65 -16.94
CA GLU B 79 30.24 17.01 -17.39
C GLU B 79 29.25 17.14 -18.53
N ASN B 80 28.67 16.02 -18.96
CA ASN B 80 27.73 16.03 -20.07
C ASN B 80 26.57 15.04 -19.89
N SER B 81 26.35 14.59 -18.67
CA SER B 81 25.29 13.61 -18.44
C SER B 81 23.86 14.19 -18.41
N ALA B 82 22.88 13.31 -18.55
CA ALA B 82 21.48 13.66 -18.58
C ALA B 82 20.70 12.38 -18.30
N TYR B 83 19.43 12.50 -17.91
CA TYR B 83 18.74 13.77 -17.73
C TYR B 83 18.46 14.01 -16.26
N GLY B 84 18.22 12.92 -15.53
CA GLY B 84 17.97 13.07 -14.11
C GLY B 84 17.04 12.04 -13.53
N LEU B 85 16.76 12.19 -12.24
CA LEU B 85 15.88 11.30 -11.48
C LEU B 85 14.83 12.19 -10.83
N ALA B 86 13.63 11.68 -10.61
CA ALA B 86 12.60 12.48 -9.98
C ALA B 86 11.68 11.70 -9.08
N PHE B 87 11.22 12.36 -8.02
CA PHE B 87 10.26 11.77 -7.10
C PHE B 87 9.01 12.43 -7.63
N ALA B 88 7.92 11.68 -7.75
CA ALA B 88 6.73 12.27 -8.31
C ALA B 88 5.42 11.75 -7.79
N LEU B 89 4.39 12.59 -7.92
CA LEU B 89 3.02 12.24 -7.55
C LEU B 89 2.34 12.25 -8.93
N VAL B 90 1.80 11.11 -9.33
CA VAL B 90 1.16 11.00 -10.65
C VAL B 90 -0.23 10.39 -10.54
N PRO B 91 -1.03 10.53 -11.60
CA PRO B 91 -2.38 9.95 -11.58
C PRO B 91 -2.31 8.45 -11.45
N VAL B 92 -3.24 7.88 -10.70
CA VAL B 92 -3.30 6.43 -10.53
C VAL B 92 -3.52 5.77 -11.89
N GLY B 93 -2.75 4.74 -12.19
CA GLY B 93 -2.90 4.04 -13.44
C GLY B 93 -2.23 4.68 -14.64
N SER B 94 -1.57 5.82 -14.45
CA SER B 94 -0.92 6.50 -15.55
C SER B 94 0.26 5.73 -16.12
N ARG B 95 0.49 5.93 -17.42
CA ARG B 95 1.56 5.26 -18.15
C ARG B 95 2.64 6.32 -18.41
N PRO B 96 3.86 5.89 -18.74
CA PRO B 96 4.97 6.79 -19.01
C PRO B 96 4.67 7.78 -20.15
N LYS B 97 5.21 8.98 -20.03
CA LYS B 97 5.02 10.00 -21.05
C LYS B 97 6.28 10.11 -21.90
N LEU B 98 6.68 11.33 -22.23
CA LEU B 98 7.87 11.54 -23.06
C LEU B 98 9.18 11.33 -22.32
N LYS B 99 10.19 10.94 -23.07
CA LYS B 99 11.52 10.71 -22.53
C LYS B 99 12.33 12.01 -22.54
N GLY B 100 13.65 11.90 -22.43
CA GLY B 100 14.47 13.09 -22.45
C GLY B 100 14.20 13.99 -21.27
N ARG B 101 14.17 15.29 -21.51
CA ARG B 101 13.94 16.28 -20.47
C ARG B 101 12.53 16.21 -19.86
N TYR B 102 11.68 15.37 -20.42
CA TYR B 102 10.32 15.21 -19.90
C TYR B 102 10.31 14.21 -18.75
N LEU B 103 11.44 13.55 -18.57
CA LEU B 103 11.64 12.59 -17.48
C LEU B 103 10.64 11.45 -17.39
N GLY B 104 9.87 11.23 -18.45
CA GLY B 104 8.87 10.17 -18.45
C GLY B 104 7.61 10.59 -17.70
N LEU B 105 7.55 11.85 -17.31
CA LEU B 105 6.44 12.38 -16.54
C LEU B 105 5.58 13.42 -17.24
N PHE B 106 6.14 14.09 -18.24
CA PHE B 106 5.41 15.14 -18.94
C PHE B 106 5.41 14.95 -20.45
N ASN B 107 4.49 15.62 -21.14
CA ASN B 107 4.45 15.54 -22.60
C ASN B 107 4.30 16.89 -23.31
N THR B 108 4.45 17.97 -22.56
CA THR B 108 4.40 19.32 -23.10
C THR B 108 5.36 20.15 -22.23
N THR B 109 5.95 21.19 -22.82
CA THR B 109 6.88 22.03 -22.11
C THR B 109 6.17 23.02 -21.17
N ASN B 110 5.06 23.56 -21.63
CA ASN B 110 4.31 24.54 -20.84
C ASN B 110 3.35 23.88 -19.89
N TYR B 111 2.77 24.71 -19.03
CA TYR B 111 1.82 24.26 -18.02
C TYR B 111 0.65 23.51 -18.63
N ASP B 112 0.33 22.38 -18.04
CA ASP B 112 -0.77 21.55 -18.51
C ASP B 112 -1.52 21.02 -17.30
N ARG B 113 -2.61 21.70 -16.94
CA ARG B 113 -3.39 21.30 -15.78
C ARG B 113 -3.83 19.84 -15.81
N ASP B 114 -4.10 19.30 -17.00
CA ASP B 114 -4.54 17.91 -17.13
C ASP B 114 -3.47 16.86 -16.81
N ALA B 115 -2.24 17.29 -16.65
CA ALA B 115 -1.16 16.37 -16.32
C ALA B 115 -1.30 15.82 -14.90
N HIS B 116 -1.76 16.67 -13.98
CA HIS B 116 -1.96 16.29 -12.57
C HIS B 116 -0.74 15.61 -11.98
N THR B 117 0.44 16.15 -12.30
CA THR B 117 1.70 15.60 -11.85
C THR B 117 2.62 16.65 -11.25
N VAL B 118 3.17 16.32 -10.09
CA VAL B 118 4.08 17.19 -9.38
C VAL B 118 5.32 16.35 -9.19
N ALA B 119 6.49 16.94 -9.42
CA ALA B 119 7.74 16.22 -9.30
C ALA B 119 8.90 17.02 -8.78
N VAL B 120 9.76 16.36 -8.03
CA VAL B 120 10.96 16.97 -7.49
C VAL B 120 12.04 16.31 -8.32
N VAL B 121 12.68 17.11 -9.15
CA VAL B 121 13.68 16.66 -10.10
C VAL B 121 15.11 16.93 -9.70
N PHE B 122 15.94 15.92 -9.88
CA PHE B 122 17.36 16.04 -9.60
C PHE B 122 17.90 16.01 -11.02
N ASP B 123 17.98 17.22 -11.57
CA ASP B 123 18.40 17.49 -12.93
C ASP B 123 19.91 17.47 -13.11
N THR B 124 20.40 16.47 -13.84
CA THR B 124 21.84 16.36 -14.06
C THR B 124 22.32 17.22 -15.21
N VAL B 125 21.39 17.65 -16.05
CA VAL B 125 21.74 18.48 -17.18
C VAL B 125 22.12 19.88 -16.69
N SER B 126 21.32 20.43 -15.79
CA SER B 126 21.55 21.77 -15.26
C SER B 126 22.17 21.78 -13.88
N ASN B 127 22.26 20.61 -13.26
CA ASN B 127 22.81 20.48 -11.92
C ASN B 127 21.99 21.34 -10.95
N ARG B 128 20.68 21.08 -10.91
CA ARG B 128 19.80 21.82 -10.01
C ARG B 128 18.71 20.89 -9.52
N ILE B 129 18.15 21.20 -8.35
CA ILE B 129 17.01 20.45 -7.84
C ILE B 129 15.89 21.37 -8.29
N GLU B 130 14.90 20.80 -8.98
CA GLU B 130 13.80 21.59 -9.51
C GLU B 130 12.44 21.06 -9.09
N ILE B 131 11.52 21.97 -8.80
CA ILE B 131 10.17 21.57 -8.42
C ILE B 131 9.30 21.87 -9.64
N ASP B 132 8.84 20.80 -10.29
CA ASP B 132 8.01 20.89 -11.47
C ASP B 132 6.57 20.60 -11.14
N VAL B 133 5.69 21.53 -11.46
CA VAL B 133 4.27 21.40 -11.20
C VAL B 133 3.53 21.48 -12.52
N ASN B 134 3.18 20.31 -13.04
CA ASN B 134 2.46 20.21 -14.30
C ASN B 134 3.11 20.85 -15.53
N SER B 135 4.45 20.85 -15.54
CA SER B 135 5.24 21.38 -16.65
C SER B 135 6.72 21.21 -16.28
N ILE B 136 7.60 21.20 -17.27
CA ILE B 136 9.03 21.06 -16.99
C ILE B 136 9.71 22.40 -16.70
N ARG B 137 8.95 23.48 -16.77
CA ARG B 137 9.48 24.79 -16.45
C ARG B 137 9.28 24.85 -14.94
N PRO B 138 10.35 24.65 -14.18
CA PRO B 138 10.32 24.65 -12.72
C PRO B 138 9.77 25.92 -12.11
N ILE B 139 9.06 25.78 -10.99
CA ILE B 139 8.52 26.94 -10.29
C ILE B 139 9.53 27.38 -9.24
N ALA B 140 10.57 26.56 -9.03
CA ALA B 140 11.61 26.85 -8.06
C ALA B 140 12.78 25.89 -8.30
N THR B 141 14.00 26.40 -8.18
CA THR B 141 15.20 25.58 -8.35
C THR B 141 16.29 26.14 -7.47
N GLU B 142 17.36 25.37 -7.35
CA GLU B 142 18.55 25.75 -6.61
C GLU B 142 19.65 24.85 -7.10
N SER B 143 20.83 25.42 -7.34
CA SER B 143 21.93 24.62 -7.83
C SER B 143 22.33 23.52 -6.85
N CYS B 144 22.71 22.37 -7.40
CA CYS B 144 23.12 21.23 -6.62
C CYS B 144 24.03 20.47 -7.59
N ASN B 145 25.32 20.47 -7.29
CA ASN B 145 26.31 19.85 -8.14
C ASN B 145 26.34 18.33 -8.00
N PHE B 146 25.54 17.66 -8.82
CA PHE B 146 25.47 16.21 -8.79
C PHE B 146 26.76 15.60 -9.34
N GLY B 147 27.30 16.20 -10.39
CA GLY B 147 28.52 15.72 -11.02
C GLY B 147 29.72 15.57 -10.10
N HIS B 148 29.89 16.53 -9.19
CA HIS B 148 30.99 16.50 -8.23
C HIS B 148 30.85 15.33 -7.28
N ASN B 149 29.66 14.74 -7.28
CA ASN B 149 29.35 13.63 -6.39
C ASN B 149 28.95 12.40 -7.19
N ASN B 150 29.57 12.26 -8.34
CA ASN B 150 29.30 11.15 -9.24
C ASN B 150 29.47 9.80 -8.56
N GLY B 151 28.42 8.98 -8.66
CA GLY B 151 28.45 7.65 -8.09
C GLY B 151 28.32 7.58 -6.58
N GLU B 152 28.07 8.71 -5.94
CA GLU B 152 27.93 8.74 -4.50
C GLU B 152 26.47 8.73 -4.07
N LYS B 153 26.21 8.29 -2.85
CA LYS B 153 24.86 8.22 -2.33
C LYS B 153 24.39 9.58 -1.82
N ALA B 154 23.16 9.95 -2.15
CA ALA B 154 22.55 11.20 -1.70
C ALA B 154 21.38 10.82 -0.80
N GLU B 155 21.22 11.56 0.29
CA GLU B 155 20.13 11.31 1.22
C GLU B 155 19.17 12.48 1.04
N VAL B 156 17.91 12.16 0.75
CA VAL B 156 16.91 13.18 0.50
C VAL B 156 15.74 13.12 1.48
N ARG B 157 15.26 14.30 1.88
CA ARG B 157 14.12 14.43 2.78
C ARG B 157 13.17 15.42 2.10
N ILE B 158 11.93 14.99 1.90
CA ILE B 158 10.94 15.84 1.28
C ILE B 158 9.74 15.89 2.22
N THR B 159 9.22 17.08 2.49
CA THR B 159 8.06 17.20 3.37
C THR B 159 7.07 18.15 2.74
N TYR B 160 5.80 17.82 2.90
CA TYR B 160 4.73 18.67 2.39
C TYR B 160 3.82 18.98 3.57
N ASP B 161 3.81 20.25 3.96
CA ASP B 161 3.00 20.73 5.06
C ASP B 161 1.76 21.37 4.43
N SER B 162 0.69 20.58 4.34
CA SER B 162 -0.54 21.04 3.70
C SER B 162 -1.18 22.35 4.16
N PRO B 163 -1.23 22.62 5.48
CA PRO B 163 -1.85 23.87 5.92
C PRO B 163 -1.15 25.11 5.32
N LYS B 164 0.15 24.99 5.06
CA LYS B 164 0.92 26.09 4.50
C LYS B 164 1.22 25.93 3.02
N ASN B 165 0.77 24.83 2.41
CA ASN B 165 1.05 24.55 0.98
C ASN B 165 2.57 24.61 0.79
N ASP B 166 3.31 24.13 1.78
CA ASP B 166 4.76 24.19 1.77
C ASP B 166 5.44 22.87 1.46
N LEU B 167 6.11 22.84 0.31
CA LEU B 167 6.85 21.65 -0.13
C LEU B 167 8.33 21.96 0.07
N ARG B 168 9.02 21.14 0.86
CA ARG B 168 10.44 21.38 1.13
C ARG B 168 11.28 20.17 0.80
N VAL B 169 12.46 20.44 0.22
CA VAL B 169 13.38 19.38 -0.16
C VAL B 169 14.78 19.69 0.41
N SER B 170 15.38 18.68 1.02
CA SER B 170 16.72 18.78 1.59
C SER B 170 17.50 17.59 1.06
N LEU B 171 18.72 17.83 0.63
CA LEU B 171 19.56 16.78 0.10
C LEU B 171 20.93 16.92 0.74
N LEU B 172 21.55 15.79 1.01
CA LEU B 172 22.88 15.75 1.60
C LEU B 172 23.70 14.62 1.00
N TYR B 173 24.93 14.94 0.61
CA TYR B 173 25.88 13.94 0.11
C TYR B 173 26.84 13.82 1.28
N PRO B 174 26.66 12.79 2.12
CA PRO B 174 27.53 12.58 3.28
C PRO B 174 29.02 12.57 2.96
N SER B 175 29.36 12.04 1.78
CA SER B 175 30.75 11.95 1.35
C SER B 175 31.48 13.27 1.18
N SER B 176 30.83 14.24 0.56
CA SER B 176 31.45 15.54 0.32
C SER B 176 30.90 16.56 1.28
N GLU B 177 29.80 16.20 1.92
CA GLU B 177 29.09 17.06 2.86
C GLU B 177 28.42 18.23 2.16
N GLU B 178 28.12 18.02 0.88
CA GLU B 178 27.45 19.02 0.06
C GLU B 178 25.97 18.94 0.43
N LYS B 179 25.35 20.08 0.65
CA LYS B 179 23.94 20.13 1.00
C LYS B 179 23.21 20.97 -0.05
N CYS B 180 21.98 20.57 -0.35
CA CYS B 180 21.15 21.29 -1.31
C CYS B 180 19.77 21.34 -0.72
N HIS B 181 19.06 22.42 -0.99
CA HIS B 181 17.72 22.56 -0.47
C HIS B 181 16.94 23.48 -1.38
N VAL B 182 15.62 23.31 -1.40
CA VAL B 182 14.76 24.12 -2.23
C VAL B 182 13.36 23.91 -1.70
N SER B 183 12.55 24.96 -1.71
CA SER B 183 11.18 24.86 -1.25
C SER B 183 10.32 25.68 -2.18
N ALA B 184 9.02 25.41 -2.18
CA ALA B 184 8.08 26.14 -3.01
C ALA B 184 6.67 26.02 -2.45
N THR B 185 5.84 27.00 -2.77
CA THR B 185 4.46 26.96 -2.33
C THR B 185 3.69 26.26 -3.45
N VAL B 186 3.07 25.13 -3.12
CA VAL B 186 2.32 24.34 -4.09
C VAL B 186 1.03 23.85 -3.46
N PRO B 187 -0.13 24.30 -3.96
CA PRO B 187 -1.39 23.84 -3.40
C PRO B 187 -1.72 22.51 -4.09
N LEU B 188 -1.23 21.42 -3.51
CA LEU B 188 -1.43 20.09 -4.08
C LEU B 188 -2.85 19.75 -4.46
N GLU B 189 -3.81 20.12 -3.63
CA GLU B 189 -5.22 19.82 -3.89
C GLU B 189 -5.70 20.34 -5.23
N LYS B 190 -5.03 21.36 -5.75
CA LYS B 190 -5.43 21.93 -7.03
C LYS B 190 -4.59 21.37 -8.17
N GLU B 191 -3.39 20.90 -7.88
CA GLU B 191 -2.49 20.40 -8.92
C GLU B 191 -2.49 18.91 -9.23
N VAL B 192 -2.87 18.07 -8.26
CA VAL B 192 -2.90 16.63 -8.49
C VAL B 192 -4.30 16.09 -8.20
N GLU B 193 -4.53 14.83 -8.55
CA GLU B 193 -5.84 14.22 -8.32
C GLU B 193 -6.02 13.89 -6.85
N ASP B 194 -7.25 13.56 -6.45
CA ASP B 194 -7.56 13.24 -5.06
C ASP B 194 -6.67 12.12 -4.56
N TRP B 195 -6.44 11.12 -5.41
CA TRP B 195 -5.57 9.98 -5.08
C TRP B 195 -4.44 10.00 -6.09
N VAL B 196 -3.25 9.64 -5.65
CA VAL B 196 -2.09 9.64 -6.53
C VAL B 196 -1.24 8.40 -6.27
N SER B 197 -0.36 8.09 -7.21
CA SER B 197 0.59 7.00 -7.04
C SER B 197 1.89 7.76 -6.79
N VAL B 198 2.66 7.35 -5.80
CA VAL B 198 3.91 8.02 -5.49
C VAL B 198 5.06 7.13 -5.93
N GLY B 199 6.11 7.74 -6.46
CA GLY B 199 7.23 6.95 -6.92
C GLY B 199 8.29 7.79 -7.59
N PHE B 200 9.05 7.13 -8.46
CA PHE B 200 10.12 7.79 -9.15
C PHE B 200 10.07 7.53 -10.63
N SER B 201 10.82 8.33 -11.36
CA SER B 201 10.93 8.24 -12.80
C SER B 201 12.30 8.80 -13.16
N ALA B 202 12.87 8.33 -14.25
CA ALA B 202 14.17 8.82 -14.66
C ALA B 202 14.42 8.55 -16.13
N THR B 203 15.21 9.41 -16.75
CA THR B 203 15.56 9.23 -18.14
C THR B 203 17.06 9.41 -18.28
N SER B 204 17.66 8.59 -19.14
CA SER B 204 19.09 8.63 -19.41
C SER B 204 19.37 9.34 -20.73
N GLY B 205 20.58 9.91 -20.84
CA GLY B 205 20.99 10.63 -22.03
C GLY B 205 20.71 9.97 -23.36
N SER B 206 20.42 10.80 -24.36
CA SER B 206 20.10 10.38 -25.72
C SER B 206 21.29 9.91 -26.57
N LYS B 207 22.51 10.15 -26.09
CA LYS B 207 23.71 9.77 -26.84
C LYS B 207 24.68 9.02 -25.96
N LYS B 208 25.58 8.28 -26.59
CA LYS B 208 26.59 7.47 -25.90
C LYS B 208 27.30 8.12 -24.70
N GLU B 209 27.72 9.37 -24.86
CA GLU B 209 28.45 10.06 -23.80
C GLU B 209 27.62 10.72 -22.71
N THR B 210 26.31 10.83 -22.93
CA THR B 210 25.44 11.48 -21.95
C THR B 210 24.59 10.54 -21.12
N THR B 211 24.93 9.25 -21.15
CA THR B 211 24.19 8.26 -20.40
C THR B 211 24.57 8.23 -18.93
N GLU B 212 23.67 7.73 -18.09
CA GLU B 212 23.90 7.62 -16.66
C GLU B 212 22.85 6.71 -16.08
N THR B 213 23.11 6.15 -14.90
CA THR B 213 22.16 5.27 -14.24
C THR B 213 21.53 6.02 -13.09
N HIS B 214 20.34 5.59 -12.69
CA HIS B 214 19.58 6.22 -11.60
C HIS B 214 19.04 5.15 -10.69
N ASN B 215 19.70 4.94 -9.55
CA ASN B 215 19.29 3.92 -8.60
C ASN B 215 18.80 4.49 -7.30
N VAL B 216 17.73 3.93 -6.75
CA VAL B 216 17.19 4.34 -5.46
C VAL B 216 17.55 3.19 -4.53
N LEU B 217 18.15 3.52 -3.41
CA LEU B 217 18.63 2.51 -2.48
C LEU B 217 17.71 2.18 -1.31
N SER B 218 16.95 3.16 -0.82
CA SER B 218 16.03 2.95 0.29
C SER B 218 14.97 4.02 0.18
N TRP B 219 13.79 3.78 0.75
CA TRP B 219 12.71 4.73 0.64
C TRP B 219 11.60 4.51 1.68
N SER B 220 11.25 5.59 2.40
CA SER B 220 10.16 5.53 3.37
C SER B 220 9.24 6.70 3.06
N PHE B 221 7.95 6.49 3.29
CA PHE B 221 6.96 7.51 2.99
C PHE B 221 5.87 7.42 4.04
N SER B 222 5.28 8.57 4.37
CA SER B 222 4.21 8.61 5.34
C SER B 222 3.31 9.78 5.01
N SER B 223 2.01 9.51 4.93
CA SER B 223 1.02 10.54 4.66
C SER B 223 -0.05 10.39 5.70
N ASN B 224 -0.60 11.51 6.15
CA ASN B 224 -1.68 11.49 7.14
C ASN B 224 -2.49 12.77 7.18
N PHE B 225 -3.78 12.60 7.45
CA PHE B 225 -4.69 13.71 7.53
C PHE B 225 -4.70 14.19 8.96
N ILE B 226 -4.80 15.51 9.13
CA ILE B 226 -4.80 16.13 10.45
C ILE B 226 -5.68 17.38 10.48
#